data_6FC9
#
_entry.id   6FC9
#
loop_
_entity.id
_entity.type
_entity.pdbx_description
1 polymer 'DNA (27-MER)'
2 non-polymer [8-(azaniumylmethyl)anthracen-1-yl]methylazanium
#
_entity_poly.entity_id   1
_entity_poly.type   'polydeoxyribonucleotide'
_entity_poly.pdbx_seq_one_letter_code
;(DG)(DG)(DT)(DT)(DG)(DG)(DC)(DG)(DC)(DG)(DA)(DA)(DG)(DC)(DA)(DT)(DT)(DC)(DG)(DC)
(DG)(DG)(DG)(DT)(DT)(DG)(DG)
;
_entity_poly.pdbx_strand_id   A
#
loop_
_chem_comp.id
_chem_comp.type
_chem_comp.name
_chem_comp.formula
D5B non-polymer [8-(azaniumylmethyl)anthracen-1-yl]methylazanium 'C16 H18 N2 2'
DA DNA linking 2'-DEOXYADENOSINE-5'-MONOPHOSPHATE 'C10 H14 N5 O6 P'
DC DNA linking 2'-DEOXYCYTIDINE-5'-MONOPHOSPHATE 'C9 H14 N3 O7 P'
DG DNA linking 2'-DEOXYGUANOSINE-5'-MONOPHOSPHATE 'C10 H14 N5 O7 P'
DT DNA linking THYMIDINE-5'-MONOPHOSPHATE 'C10 H15 N2 O8 P'
#
# COMPACT_ATOMS: atom_id res chain seq x y z
C1 D5B B . -3.19 -1.85 -0.98
C2 D5B B . -2.94 -2.96 -0.17
C3 D5B B . -1.75 -3.04 0.56
C5 D5B B . -1.03 -0.90 -0.38
C6 D5B B . -2.25 -0.82 -1.09
C7 D5B B . 0.37 -2.08 1.24
C8 D5B B . 1.31 -1.04 1.19
C9 D5B B . 1.11 0.07 0.32
C11 D5B B . 2.47 -1.11 1.99
C12 D5B B . 3.39 -0.05 1.98
C13 D5B B . 3.17 1.07 1.16
C14 D5B B . 2.06 1.11 0.30
N1 D5B B . -3.54 1.27 -1.32
N2 D5B B . 2.75 2.00 -1.87
C4 D5B B . -0.80 -2.02 0.47
C10 D5B B . -0.06 0.11 -0.47
C15 D5B B . -2.60 0.35 -1.98
C16 D5B B . 1.96 2.29 -0.65
H1 D5B B . -4.13 -1.77 -1.50
H2 D5B B . -3.68 -3.75 -0.10
H3 D5B B . -1.57 -3.90 1.20
H7 D5B B . 0.53 -2.92 1.91
H11 D5B B . 2.64 -1.96 2.62
H12 D5B B . 4.28 -0.09 2.60
H13 D5B B . 3.87 1.89 1.16
HN11 D5B B . -3.90 2.00 -1.92
HN12 D5B B . -3.15 1.73 -0.49
HN13 D5B B . -4.36 0.78 -0.97
HN23 D5B B . 2.67 2.75 -2.54
HN22 D5B B . 2.46 1.13 -2.28
HN21 D5B B . 3.72 1.88 -1.61
H10 D5B B . -0.22 0.94 -1.13
H151 D5B B . -3.08 -0.04 -2.87
H152 D5B B . -1.71 0.89 -2.32
H161 D5B B . 0.92 2.50 -0.89
H162 D5B B . 2.35 3.17 -0.14
C1 D5B B . -3.06 -1.60 -0.64
C2 D5B B . -2.86 -2.68 0.23
C3 D5B B . -1.76 -2.69 1.10
C5 D5B B . -0.98 -0.57 0.14
C6 D5B B . -2.12 -0.55 -0.71
C7 D5B B . 0.23 -1.60 1.99
C8 D5B B . 1.17 -0.56 1.98
C9 D5B B . 1.07 0.46 1.01
C11 D5B B . 2.19 -0.54 2.93
C12 D5B B . 3.13 0.52 2.95
C13 D5B B . 3.04 1.54 1.98
C14 D5B B . 2.04 1.50 0.98
N1 D5B B . -3.46 1.48 -1.03
N2 D5B B . 2.88 2.40 -1.18
C4 D5B B . -0.83 -1.63 1.08
C10 D5B B . -0.02 0.44 0.10
C15 D5B B . -2.44 0.59 -1.62
C16 D5B B . 2.00 2.63 -0.02
H1 D5B B . -3.93 -1.59 -1.28
H2 D5B B . -3.59 -3.48 0.28
H3 D5B B . -1.63 -3.50 1.80
H7 D5B B . 0.30 -2.38 2.75
H11 D5B B . 2.26 -1.32 3.68
H12 D5B B . 3.91 0.54 3.69
H13 D5B B . 3.73 2.35 2.01
HN11 D5B B . -3.75 2.25 -1.63
HN12 D5B B . -3.14 1.90 -0.14
HN13 D5B B . -4.31 0.97 -0.77
HN23 D5B B . 2.92 3.21 -1.78
HN22 D5B B . 2.55 1.61 -1.72
HN21 D5B B . 3.81 2.17 -0.87
H10 D5B B . -0.11 1.24 -0.63
H151 D5B B . -2.83 0.20 -2.57
H152 D5B B . -1.55 1.16 -1.87
H161 D5B B . 0.96 2.80 -0.34
H162 D5B B . 2.31 3.55 0.49
C1 D5B B . -3.08 -1.96 -0.67
C2 D5B B . -2.82 -2.99 0.25
C3 D5B B . -1.66 -2.94 1.05
C5 D5B B . -0.99 -0.86 -0.04
C6 D5B B . -2.17 -0.89 -0.81
C7 D5B B . 0.37 -1.80 1.75
C8 D5B B . 1.27 -0.73 1.65
C9 D5B B . 1.09 0.25 0.66
C11 D5B B . 2.34 -0.64 2.56
C12 D5B B . 3.23 0.44 2.48
C13 D5B B . 3.09 1.39 1.46
C14 D5B B . 2.05 1.29 0.52
N1 D5B B . -3.54 1.13 -1.20
N2 D5B B . 2.76 1.70 -1.79
C4 D5B B . -0.76 -1.87 0.91
C10 D5B B . -0.04 0.19 -0.19
C15 D5B B . -2.55 0.21 -1.79
C16 D5B B . 2.03 2.27 -0.64
H1 D5B B . -3.99 -1.98 -1.26
H2 D5B B . -3.52 -3.79 0.37
H3 D5B B . -1.49 -3.71 1.77
H7 D5B B . 0.51 -2.57 2.50
H11 D5B B . 2.46 -1.38 3.33
H12 D5B B . 4.05 0.52 3.18
H13 D5B B . 3.79 2.21 1.39
HN11 D5B B . -4.38 0.63 -0.90
HN12 D5B B . -3.84 1.86 -1.84
HN13 D5B B . -3.21 1.58 -0.34
HN23 D5B B . 3.71 1.47 -1.54
HN22 D5B B . 2.79 2.34 -2.58
HN21 D5B B . 2.35 0.82 -2.09
H10 D5B B . -0.21 0.96 -0.91
H151 D5B B . -2.97 -0.25 -2.69
H152 D5B B . -1.66 0.77 -2.11
H161 D5B B . 0.99 2.51 -0.90
H162 D5B B . 2.49 3.21 -0.31
C1 D5B B . -3.15 -2.00 -0.87
C2 D5B B . -2.89 -3.07 -0.01
C3 D5B B . -1.70 -3.11 0.73
C5 D5B B . -0.99 -1.00 -0.29
C6 D5B B . -2.21 -0.95 -1.01
C7 D5B B . 0.41 -2.11 1.36
C8 D5B B . 1.37 -1.08 1.26
C9 D5B B . 1.17 -0.03 0.33
C11 D5B B . 2.51 -1.11 2.08
C12 D5B B . 3.46 -0.07 2.00
C13 D5B B . 3.28 0.95 1.06
C14 D5B B . 2.16 0.97 0.20
N1 D5B B . -3.49 1.13 -1.20
N2 D5B B . 2.73 1.70 -2.09
C4 D5B B . -0.76 -2.07 0.60
C10 D5B B . -0.02 0.01 -0.43
C15 D5B B . -2.58 0.21 -1.90
C16 D5B B . 2.07 2.09 -0.82
H1 D5B B . -4.08 -1.94 -1.41
H2 D5B B . -3.61 -3.86 0.08
H3 D5B B . -1.53 -3.92 1.42
H7 D5B B . 0.57 -2.92 2.07
H11 D5B B . 2.64 -1.92 2.79
H12 D5B B . 4.33 -0.09 2.63
H13 D5B B . 4.02 1.75 0.99
HN11 D5B B . -3.09 1.53 -0.35
HN12 D5B B . -4.35 0.66 -0.89
HN13 D5B B . -3.81 1.91 -1.78
HN23 D5B B . 3.71 1.51 -1.95
HN22 D5B B . 2.65 2.44 -2.78
HN21 D5B B . 2.35 0.85 -2.47
H10 D5B B . -0.20 0.83 -1.10
H151 D5B B . -3.08 -0.18 -2.78
H152 D5B B . -1.70 0.75 -2.25
H161 D5B B . 1.02 2.35 -0.99
H162 D5B B . 2.54 2.98 -0.40
C1 D5B B . -2.86 -1.87 -0.88
C2 D5B B . -2.59 -2.95 -0.03
C3 D5B B . -1.42 -2.95 0.76
C5 D5B B . -0.77 -0.80 -0.22
C6 D5B B . -1.98 -0.79 -0.97
C7 D5B B . 0.63 -1.86 1.48
C8 D5B B . 1.52 -0.77 1.43
C9 D5B B . 1.30 0.29 0.53
C11 D5B B . 2.62 -0.74 2.31
C12 D5B B . 3.47 0.38 2.32
C13 D5B B . 3.25 1.45 1.42
C14 D5B B . 2.20 1.39 0.49
N1 D5B B . -3.38 1.21 -1.13
N2 D5B B . 2.60 2.16 -1.83
C4 D5B B . -0.51 -1.87 0.66
C10 D5B B . 0.15 0.26 -0.30
C15 D5B B . -2.38 0.39 -1.84
C16 D5B B . 2.05 2.53 -0.50
H1 D5B B . -3.79 -1.86 -1.45
H2 D5B B . -3.29 -3.77 0.05
H3 D5B B . -1.23 -3.76 1.44
H7 D5B B . 0.80 -2.66 2.18
H11 D5B B . 2.80 -1.55 2.98
H12 D5B B . 4.29 0.42 3.02
H13 D5B B . 3.92 2.30 1.44
HN11 D5B B . -3.04 1.58 -0.23
HN12 D5B B . -4.23 0.68 -0.90
HN13 D5B B . -3.71 2.02 -1.67
HN23 D5B B . 3.60 2.05 -1.77
HN22 D5B B . 2.37 2.87 -2.53
HN21 D5B B . 2.22 1.27 -2.12
H10 D5B B . -0.03 1.09 -0.97
H151 D5B B . -2.79 0.04 -2.77
H152 D5B B . -1.52 1.01 -2.10
H161 D5B B . 0.99 2.79 -0.59
H162 D5B B . 2.56 3.42 -0.11
C1 D5B B . -3.09 -2.00 -0.60
C2 D5B B . -2.90 -3.07 0.29
C3 D5B B . -1.77 -3.08 1.12
C5 D5B B . -0.99 -0.99 0.11
C6 D5B B . -2.15 -0.96 -0.70
C7 D5B B . 0.28 -2.04 1.91
C8 D5B B . 1.23 -1.01 1.86
C9 D5B B . 1.10 0.02 0.90
C11 D5B B . 2.30 -0.99 2.78
C12 D5B B . 3.23 0.04 2.75
C13 D5B B . 3.13 1.06 1.78
C14 D5B B . 2.09 1.04 0.84
N1 D5B B . -3.39 1.16 -1.11
N2 D5B B . 2.77 1.56 -1.45
C4 D5B B . -0.82 -2.05 1.04
C10 D5B B . -0.02 0.03 0.04
C15 D5B B . -2.46 0.17 -1.67
C16 D5B B . 2.08 2.08 -0.25
H1 D5B B . -3.98 -1.98 -1.23
H2 D5B B . -3.64 -3.84 0.37
H3 D5B B . -1.64 -3.88 1.84
H7 D5B B . 0.39 -2.83 2.65
H11 D5B B . 2.40 -1.78 3.52
H12 D5B B . 4.05 0.07 3.46
H13 D5B B . 3.86 1.85 1.76
HN11 D5B B . -2.96 2.01 -0.75
HN12 D5B B . -3.95 0.77 -0.35
HN13 D5B B . -4.08 1.49 -1.79
HN23 D5B B . 2.29 0.73 -1.79
HN22 D5B B . 3.71 1.26 -1.21
HN21 D5B B . 2.83 2.23 -2.20
H10 D5B B . -0.14 0.83 -0.66
H151 D5B B . -2.91 -0.26 -2.56
H152 D5B B . -1.54 0.66 -2.01
H161 D5B B . 1.06 2.37 -0.49
H162 D5B B . 2.59 2.99 0.11
C1 D5B B . -3.09 -1.85 -0.84
C2 D5B B . -2.85 -2.98 -0.06
C3 D5B B . -1.70 -3.07 0.73
C5 D5B B . -0.98 -0.87 -0.10
C6 D5B B . -2.17 -0.78 -0.86
C7 D5B B . 0.37 -2.08 1.55
C8 D5B B . 1.31 -1.02 1.57
C9 D5B B . 1.14 0.08 0.71
C11 D5B B . 2.40 -1.08 2.45
C12 D5B B . 3.31 -0.03 2.51
C13 D5B B . 3.17 1.06 1.64
C14 D5B B . 2.12 1.11 0.71
N1 D5B B . -3.45 1.33 -1.04
N2 D5B B . 3.14 2.05 -1.33
C4 D5B B . -0.77 -2.00 0.72
C10 D5B B . -0.01 0.15 -0.11
C15 D5B B . -2.51 0.43 -1.72
C16 D5B B . 2.11 2.25 -0.29
H1 D5B B . -4.00 -1.78 -1.43
H2 D5B B . -3.57 -3.79 -0.04
H3 D5B B . -1.52 -3.93 1.35
H7 D5B B . 0.51 -2.94 2.20
H11 D5B B . 2.52 -1.94 3.12
H12 D5B B . 4.15 -0.06 3.20
H13 D5B B . 3.88 1.88 1.68
HN11 D5B B . -4.28 0.83 -0.69
HN12 D5B B . -3.82 2.07 -1.63
HN13 D5B B . -3.06 1.77 -0.19
HN23 D5B B . 3.02 1.16 -1.79
HN22 D5B B . 4.06 2.03 -0.90
HN21 D5B B . 3.12 2.79 -2.02
H10 D5B B . -0.18 1.02 -0.73
H151 D5B B . -2.97 0.08 -2.64
H152 D5B B . -1.61 0.97 -2.01
H161 D5B B . 1.13 2.34 -0.76
H162 D5B B . 2.28 3.19 0.24
C1 D5B B . -3.16 -1.71 -0.68
C2 D5B B . -2.96 -2.76 0.22
C3 D5B B . -1.81 -2.77 1.03
C5 D5B B . -1.03 -0.71 -0.03
C6 D5B B . -2.20 -0.68 -0.82
C7 D5B B . 0.26 -1.75 1.77
C8 D5B B . 1.23 -0.73 1.66
C9 D5B B . 1.11 0.28 0.68
C11 D5B B . 2.33 -0.74 2.54
C12 D5B B . 3.31 0.28 2.45
C13 D5B B . 3.19 1.28 1.47
C14 D5B B . 2.11 1.27 0.58
N1 D5B B . -3.48 1.39 -1.15
N2 D5B B . 2.62 1.98 -1.74
C4 D5B B . -0.85 -1.75 0.92
C10 D5B B . -0.04 0.28 -0.14
C15 D5B B . -2.53 0.44 -1.76
C16 D5B B . 2.02 2.38 -0.45
H1 D5B B . -4.07 -1.68 -1.28
H2 D5B B . -3.70 -3.54 0.32
H3 D5B B . -1.68 -3.56 1.76
H7 D5B B . 0.37 -2.52 2.52
H11 D5B B . 2.43 -1.50 3.30
H12 D5B B . 4.15 0.29 3.13
H13 D5B B . 3.94 2.06 1.41
HN11 D5B B . -4.35 0.94 -0.89
HN12 D5B B . -3.72 2.17 -1.77
HN13 D5B B . -3.12 1.81 -0.30
HN23 D5B B . 3.61 1.87 -1.65
HN22 D5B B . 2.43 2.66 -2.47
HN21 D5B B . 2.25 1.08 -2.04
H10 D5B B . -0.16 1.06 -0.88
H151 D5B B . -2.96 0.03 -2.67
H152 D5B B . -1.62 0.97 -2.08
H161 D5B B . 0.97 2.65 -0.60
H162 D5B B . 2.50 3.28 -0.07
C1 D5B B . -2.95 -1.93 -0.98
C2 D5B B . -2.64 -3.04 -0.18
C3 D5B B . -1.46 -3.05 0.57
C5 D5B B . -0.87 -0.85 -0.30
C6 D5B B . -2.08 -0.82 -1.03
C7 D5B B . 0.60 -1.98 1.30
C8 D5B B . 1.49 -0.88 1.26
C9 D5B B . 1.23 0.21 0.41
C11 D5B B . 2.63 -0.89 2.09
C12 D5B B . 3.52 0.19 2.07
C13 D5B B . 3.29 1.28 1.20
C14 D5B B . 2.17 1.27 0.34
N1 D5B B . -3.50 1.18 -1.15
N2 D5B B . 2.41 1.94 -2.01
C4 D5B B . -0.57 -1.96 0.51
C10 D5B B . 0.05 0.24 -0.35
C15 D5B B . -2.52 0.37 -1.87
C16 D5B B . 2.02 2.40 -0.66
H1 D5B B . -3.88 -1.91 -1.53
H2 D5B B . -3.32 -3.88 -0.14
H3 D5B B . -1.23 -3.91 1.19
H7 D5B B . 0.80 -2.81 1.95
H11 D5B B . 2.83 -1.73 2.75
H12 D5B B . 4.39 0.20 2.71
H13 D5B B . 3.98 2.11 1.17
HN11 D5B B . -3.12 1.64 -0.32
HN12 D5B B . -4.29 0.62 -0.81
HN13 D5B B . -3.93 1.92 -1.72
HN23 D5B B . 3.40 1.70 -2.04
HN22 D5B B . 2.22 2.65 -2.70
HN21 D5B B . 1.92 1.10 -2.23
H10 D5B B . -0.18 1.09 -0.96
H151 D5B B . -2.96 0.00 -2.80
H152 D5B B . -1.66 0.98 -2.16
H161 D5B B . 0.98 2.75 -0.65
H162 D5B B . 2.63 3.26 -0.34
C1 D5B B . -2.99 -1.84 -0.90
C2 D5B B . -2.73 -2.98 -0.11
C3 D5B B . -1.55 -3.04 0.67
C5 D5B B . -0.89 -0.84 -0.17
C6 D5B B . -2.08 -0.78 -0.95
C7 D5B B . 0.48 -2.00 1.50
C8 D5B B . 1.39 -0.93 1.52
C9 D5B B . 1.22 0.16 0.62
C11 D5B B . 2.44 -0.93 2.46
C12 D5B B . 3.35 0.14 2.48
C13 D5B B . 3.23 1.18 1.55
C14 D5B B . 2.19 1.19 0.59
N1 D5B B . -3.39 1.31 -1.17
N2 D5B B . 2.90 2.01 -1.63
C4 D5B B . -0.65 -1.97 0.66
C10 D5B B . 0.07 0.19 -0.20
C15 D5B B . -2.42 0.42 -1.82
C16 D5B B . 2.13 2.32 -0.41
H1 D5B B . -3.91 -1.81 -1.47
H2 D5B B . -3.43 -3.81 -0.09
H3 D5B B . -1.37 -3.90 1.29
H7 D5B B . 0.63 -2.84 2.17
H11 D5B B . 2.54 -1.74 3.16
H12 D5B B . 4.13 0.17 3.23
H13 D5B B . 3.95 1.99 1.57
HN11 D5B B . -3.30 2.30 -1.45
HN12 D5B B . -3.25 1.36 -0.16
HN13 D5B B . -4.36 1.05 -1.33
HN23 D5B B . 3.89 1.99 -1.43
HN22 D5B B . 2.73 2.69 -2.37
HN21 D5B B . 2.66 1.09 -1.98
H10 D5B B . -0.10 1.04 -0.82
H151 D5B B . -2.86 0.06 -2.76
H152 D5B B . -1.52 0.96 -2.09
H161 D5B B . 1.09 2.52 -0.67
H162 D5B B . 2.51 3.24 0.05
#